data_1C2X
#
_entry.id   1C2X
#
_cell.length_a   1.000
_cell.length_b   1.000
_cell.length_c   1.000
_cell.angle_alpha   90.00
_cell.angle_beta   90.00
_cell.angle_gamma   90.00
#
_symmetry.space_group_name_H-M   'P 1'
#
_entity_poly.entity_id   1
_entity_poly.type   'polyribonucleotide'
_entity_poly.pdbx_seq_one_letter_code
;UGCCUGGCGGCCGUAGCGCGGUGGUCCCACCUGACCCCAUGCCGAACUCAGAAGUGAAACGCCGUAGCGCCGAUGGUAGU
GUGGGGUCUCCCCAUGCGAGAGUAGGGAACUGCCAGGCAU
;
_entity_poly.pdbx_strand_id   C
#
loop_
_chem_comp.id
_chem_comp.type
_chem_comp.name
_chem_comp.formula
A RNA linking ADENOSINE-5'-MONOPHOSPHATE 'C10 H14 N5 O7 P'
C RNA linking CYTIDINE-5'-MONOPHOSPHATE 'C9 H14 N3 O8 P'
G RNA linking GUANOSINE-5'-MONOPHOSPHATE 'C10 H14 N5 O8 P'
U RNA linking URIDINE-5'-MONOPHOSPHATE 'C9 H13 N2 O9 P'
#